data_1J6Z
#
_entry.id   1J6Z
#
_cell.length_a   112.808
_cell.length_b   37.498
_cell.length_c   85.261
_cell.angle_alpha   90.00
_cell.angle_beta   108.26
_cell.angle_gamma   90.00
#
_symmetry.space_group_name_H-M   'C 1 2 1'
#
loop_
_entity.id
_entity.type
_entity.pdbx_description
1 polymer 'ACTIN ALPHA 1'
2 non-polymer 'CALCIUM ION'
3 non-polymer "ADENOSINE-5'-DIPHOSPHATE"
4 non-polymer TETRAMETHYLRHODAMINE-5-MALEIMIDE
5 water water
#
_entity_poly.entity_id   1
_entity_poly.type   'polypeptide(L)'
_entity_poly.pdbx_seq_one_letter_code
;DEDETTALVCDNGSGLVKAGFAGDDAPRAVFPSIVGRPRHQGVMVGMGQKDSYVGDEAQSKRGILTLKYPIE(HIC)GII
TNWDDMEKIWHHTFYNELRVAPEEHPTLLTEAPLNPKANREKMTQIMFETFNVPAMYVAIQAVLSLYASGRTTGIVLDSG
DGVTHNVPIYEGYALPHAIMRLDLAGRDLTDYLMKILTERGYSFVTTAEREIVRDIKEKLCYVALDFENEMATAASSSSL
EKSYELPDGQVITIGNERFRCPETLFQPSFIGMESAGIHETTYNSIMKCDIDIRKDLYANNVMSGGTTMYPGIADRMQKE
ITALAPSTMKIKIIAPPERKYSVWIGGSILASLSTFQQMWITKQEYDEAGPSIVHRKCF
;
_entity_poly.pdbx_strand_id   A
#
# COMPACT_ATOMS: atom_id res chain seq x y z
N GLU A 4 -0.44 10.09 28.52
CA GLU A 4 -0.44 10.43 27.08
C GLU A 4 0.72 11.31 26.68
N THR A 5 1.67 10.83 25.89
CA THR A 5 2.78 11.66 25.47
C THR A 5 3.08 11.48 23.98
N THR A 6 3.68 10.36 23.56
CA THR A 6 4.02 10.22 22.14
C THR A 6 3.16 9.18 21.45
N ALA A 7 2.40 9.57 20.44
CA ALA A 7 1.54 8.63 19.73
C ALA A 7 2.31 7.77 18.72
N LEU A 8 1.77 6.57 18.52
CA LEU A 8 2.30 5.62 17.53
C LEU A 8 1.36 5.59 16.32
N VAL A 9 1.98 5.41 15.17
CA VAL A 9 1.19 5.29 13.94
C VAL A 9 1.57 3.94 13.31
N CYS A 10 0.55 3.08 13.08
CA CYS A 10 0.78 1.78 12.46
C CYS A 10 -0.06 1.62 11.20
N ASP A 11 0.58 1.68 10.06
CA ASP A 11 -0.11 1.55 8.76
C ASP A 11 0.02 0.10 8.32
N ASN A 12 -1.09 -0.62 8.45
CA ASN A 12 -1.18 -2.06 8.20
C ASN A 12 -1.28 -2.37 6.73
N GLY A 13 -0.20 -2.42 5.96
CA GLY A 13 -0.26 -2.58 4.51
C GLY A 13 -0.44 -4.03 4.08
N SER A 14 -0.98 -4.15 2.88
CA SER A 14 -1.16 -5.48 2.29
C SER A 14 0.13 -6.27 2.12
N GLY A 15 1.25 -5.59 1.92
CA GLY A 15 2.53 -6.27 1.78
C GLY A 15 3.53 -5.75 2.79
N LEU A 16 3.41 -4.49 3.19
CA LEU A 16 4.38 -3.90 4.14
C LEU A 16 3.65 -3.19 5.31
N VAL A 17 4.14 -3.46 6.51
CA VAL A 17 3.73 -2.66 7.69
C VAL A 17 4.66 -1.46 7.74
N LYS A 18 4.12 -0.25 7.84
CA LYS A 18 4.85 0.98 8.04
C LYS A 18 4.51 1.48 9.43
N ALA A 19 5.49 1.59 10.35
CA ALA A 19 5.13 2.04 11.68
C ALA A 19 6.17 2.97 12.28
N GLY A 20 5.69 3.80 13.18
CA GLY A 20 6.65 4.76 13.78
C GLY A 20 5.91 5.64 14.77
N PHE A 21 6.56 6.78 15.03
CA PHE A 21 6.04 7.72 16.02
C PHE A 21 5.45 8.96 15.34
N ALA A 22 4.32 9.38 15.88
CA ALA A 22 3.69 10.58 15.28
C ALA A 22 4.66 11.75 15.37
N GLY A 23 4.71 12.52 14.26
CA GLY A 23 5.71 13.64 14.40
C GLY A 23 6.98 13.27 13.68
N ASP A 24 7.42 12.02 13.54
CA ASP A 24 8.55 11.66 12.69
C ASP A 24 8.14 11.96 11.23
N ASP A 25 9.09 12.23 10.35
CA ASP A 25 8.79 12.54 8.96
C ASP A 25 8.51 11.34 8.08
N ALA A 26 8.89 10.16 8.54
CA ALA A 26 8.74 8.91 7.80
C ALA A 26 8.73 7.79 8.84
N PRO A 27 8.19 6.62 8.51
CA PRO A 27 8.12 5.50 9.44
C PRO A 27 9.51 4.95 9.72
N ARG A 28 9.75 4.65 10.99
CA ARG A 28 11.04 4.04 11.36
C ARG A 28 11.13 2.57 11.04
N ALA A 29 9.98 1.89 11.01
CA ALA A 29 9.93 0.46 10.82
C ALA A 29 9.12 0.10 9.59
N VAL A 30 9.73 -0.60 8.64
CA VAL A 30 9.02 -1.04 7.42
C VAL A 30 9.27 -2.51 7.23
N PHE A 31 8.36 -3.44 7.35
CA PHE A 31 8.73 -4.85 7.16
C PHE A 31 7.57 -5.58 6.51
N PRO A 32 7.78 -6.76 5.97
CA PRO A 32 6.71 -7.46 5.25
C PRO A 32 5.59 -7.95 6.15
N SER A 33 4.32 -7.84 5.69
CA SER A 33 3.16 -8.29 6.44
C SER A 33 2.88 -9.76 6.20
N ILE A 34 3.84 -10.56 6.66
CA ILE A 34 3.87 -12.00 6.47
C ILE A 34 4.16 -12.67 7.81
N VAL A 35 3.48 -13.80 8.04
CA VAL A 35 3.65 -14.59 9.24
C VAL A 35 3.97 -16.03 8.78
N GLY A 36 5.01 -16.61 9.34
CA GLY A 36 5.32 -17.99 8.92
C GLY A 36 5.20 -18.96 10.10
N ARG A 37 4.62 -20.12 9.84
CA ARG A 37 4.44 -21.10 10.94
C ARG A 37 4.97 -22.47 10.50
N PRO A 38 5.70 -23.14 11.38
CA PRO A 38 6.16 -24.49 11.06
C PRO A 38 4.98 -25.40 10.81
N ARG A 39 5.19 -26.49 10.03
CA ARG A 39 4.13 -27.43 9.71
C ARG A 39 4.30 -28.73 10.48
N HIS A 40 5.38 -28.80 11.24
CA HIS A 40 5.74 -30.03 11.95
C HIS A 40 6.38 -29.68 13.25
N GLN A 41 6.03 -30.40 14.32
CA GLN A 41 6.56 -30.13 15.64
C GLN A 41 8.06 -30.27 15.72
N GLY A 42 8.61 -31.32 15.08
CA GLY A 42 10.06 -31.50 15.11
C GLY A 42 10.81 -30.33 14.47
N VAL A 43 10.26 -29.83 13.36
CA VAL A 43 10.86 -28.70 12.66
C VAL A 43 10.74 -27.45 13.53
N MET A 44 9.59 -27.28 14.19
CA MET A 44 9.42 -26.16 15.11
C MET A 44 10.46 -26.15 16.23
N VAL A 45 10.63 -27.30 16.90
CA VAL A 45 11.61 -27.39 17.97
C VAL A 45 13.03 -27.28 17.43
N GLY A 46 13.36 -27.93 16.32
CA GLY A 46 14.68 -27.95 15.74
C GLY A 46 15.18 -26.59 15.24
N MET A 47 14.24 -25.72 14.91
CA MET A 47 14.56 -24.38 14.46
C MET A 47 14.52 -23.39 15.63
N GLY A 48 14.32 -23.84 16.86
CA GLY A 48 14.38 -22.91 17.99
C GLY A 48 13.16 -22.82 18.86
N GLN A 49 12.15 -23.62 18.64
CA GLN A 49 10.92 -23.66 19.42
C GLN A 49 9.99 -22.49 19.17
N LYS A 50 10.30 -21.62 18.22
CA LYS A 50 9.41 -20.49 17.93
C LYS A 50 8.19 -20.99 17.18
N ASP A 51 7.03 -20.60 17.68
CA ASP A 51 5.70 -20.90 17.19
C ASP A 51 5.43 -20.23 15.85
N SER A 52 6.08 -19.08 15.65
CA SER A 52 5.91 -18.30 14.45
C SER A 52 7.04 -17.30 14.24
N TYR A 53 7.12 -16.83 13.01
CA TYR A 53 8.12 -15.86 12.54
C TYR A 53 7.36 -14.77 11.78
N VAL A 54 7.86 -13.54 11.84
CA VAL A 54 7.17 -12.46 11.10
C VAL A 54 8.14 -11.74 10.19
N GLY A 55 7.71 -11.24 9.05
CA GLY A 55 8.53 -10.41 8.19
C GLY A 55 9.66 -11.09 7.46
N ASP A 56 10.83 -10.41 7.45
CA ASP A 56 11.96 -10.97 6.72
C ASP A 56 12.39 -12.32 7.32
N GLU A 57 12.22 -12.49 8.62
CA GLU A 57 12.58 -13.79 9.21
C GLU A 57 11.69 -14.88 8.64
N ALA A 58 10.42 -14.60 8.43
CA ALA A 58 9.47 -15.57 7.88
C ALA A 58 9.80 -15.92 6.45
N GLN A 59 10.08 -14.88 5.64
CA GLN A 59 10.46 -15.03 4.26
C GLN A 59 11.74 -15.83 4.07
N SER A 60 12.70 -15.65 4.99
CA SER A 60 13.94 -16.43 4.85
C SER A 60 13.73 -17.92 5.00
N LYS A 61 12.75 -18.32 5.79
CA LYS A 61 12.41 -19.71 6.05
C LYS A 61 11.32 -20.25 5.14
N ARG A 62 11.07 -19.65 3.98
CA ARG A 62 10.08 -20.14 3.04
C ARG A 62 10.43 -21.55 2.57
N GLY A 63 9.38 -22.33 2.31
CA GLY A 63 9.57 -23.72 1.90
C GLY A 63 9.57 -24.66 3.11
N ILE A 64 9.94 -24.16 4.28
CA ILE A 64 9.92 -24.90 5.52
C ILE A 64 8.63 -24.49 6.27
N LEU A 65 8.55 -23.21 6.59
CA LEU A 65 7.34 -22.67 7.19
C LEU A 65 6.27 -22.51 6.12
N THR A 66 5.03 -22.47 6.58
CA THR A 66 3.89 -22.08 5.76
C THR A 66 3.79 -20.55 5.91
N LEU A 67 3.81 -19.87 4.78
CA LEU A 67 3.71 -18.41 4.88
C LEU A 67 2.26 -18.03 4.79
N LYS A 68 1.92 -16.97 5.56
CA LYS A 68 0.60 -16.41 5.41
C LYS A 68 0.64 -14.90 5.21
N TYR A 69 -0.23 -14.40 4.35
CA TYR A 69 -0.36 -12.95 4.16
C TYR A 69 -1.70 -12.60 4.79
N PRO A 70 -1.76 -12.15 6.05
CA PRO A 70 -3.01 -11.94 6.75
C PRO A 70 -3.73 -10.68 6.35
N ILE A 71 -3.14 -9.87 5.50
CA ILE A 71 -3.72 -8.62 4.99
C ILE A 71 -3.58 -8.61 3.48
N GLU A 72 -3.64 -9.79 2.85
CA GLU A 72 -3.28 -10.02 1.46
C GLU A 72 -3.76 -8.97 0.48
N GLY A 74 -5.47 -6.13 1.57
CA GLY A 74 -5.71 -4.91 2.30
C GLY A 74 -6.64 -5.07 3.51
N ILE A 75 -7.50 -6.08 3.53
CA ILE A 75 -8.39 -6.32 4.65
C ILE A 75 -7.76 -7.43 5.50
N ILE A 76 -7.76 -7.23 6.82
CA ILE A 76 -7.20 -8.26 7.70
C ILE A 76 -8.15 -9.45 7.78
N THR A 77 -7.64 -10.64 7.47
CA THR A 77 -8.44 -11.85 7.41
C THR A 77 -8.06 -12.89 8.44
N ASN A 78 -7.00 -12.75 9.18
CA ASN A 78 -6.62 -13.74 10.20
C ASN A 78 -6.10 -12.99 11.42
N TRP A 79 -6.86 -13.05 12.50
CA TRP A 79 -6.57 -12.30 13.70
C TRP A 79 -5.45 -12.89 14.53
N ASP A 80 -5.25 -14.21 14.45
CA ASP A 80 -4.09 -14.72 15.21
C ASP A 80 -2.80 -14.28 14.52
N ASP A 81 -2.78 -14.32 13.19
CA ASP A 81 -1.58 -13.84 12.46
C ASP A 81 -1.40 -12.33 12.68
N MET A 82 -2.53 -11.55 12.64
CA MET A 82 -2.39 -10.11 12.82
C MET A 82 -1.86 -9.76 14.19
N GLU A 83 -2.29 -10.51 15.24
CA GLU A 83 -1.73 -10.28 16.58
C GLU A 83 -0.22 -10.50 16.53
N LYS A 84 0.28 -11.51 15.82
CA LYS A 84 1.73 -11.69 15.71
C LYS A 84 2.39 -10.48 15.02
N ILE A 85 1.76 -9.96 13.94
CA ILE A 85 2.38 -8.80 13.28
C ILE A 85 2.44 -7.58 14.22
N TRP A 86 1.35 -7.32 14.94
CA TRP A 86 1.39 -6.17 15.87
C TRP A 86 2.36 -6.40 17.01
N HIS A 87 2.44 -7.65 17.53
CA HIS A 87 3.45 -7.87 18.59
C HIS A 87 4.85 -7.59 18.06
N HIS A 88 5.11 -8.04 16.84
CA HIS A 88 6.44 -7.80 16.25
C HIS A 88 6.69 -6.31 16.13
N THR A 89 5.66 -5.58 15.63
CA THR A 89 5.76 -4.14 15.45
C THR A 89 6.16 -3.43 16.74
N PHE A 90 5.40 -3.72 17.80
CA PHE A 90 5.64 -3.02 19.04
C PHE A 90 6.94 -3.49 19.71
N TYR A 91 7.09 -4.80 19.86
CA TYR A 91 8.21 -5.25 20.71
C TYR A 91 9.51 -5.44 20.00
N ASN A 92 9.52 -5.78 18.73
CA ASN A 92 10.77 -6.14 18.04
C ASN A 92 11.25 -5.02 17.13
N GLU A 93 10.31 -4.32 16.46
CA GLU A 93 10.72 -3.25 15.55
C GLU A 93 10.82 -1.91 16.26
N LEU A 94 9.75 -1.43 16.88
CA LEU A 94 9.78 -0.13 17.54
C LEU A 94 10.35 -0.20 18.96
N ARG A 95 10.25 -1.37 19.56
CA ARG A 95 10.75 -1.56 20.91
C ARG A 95 10.14 -0.62 21.91
N VAL A 96 8.81 -0.60 21.90
CA VAL A 96 8.01 0.22 22.78
C VAL A 96 7.14 -0.64 23.70
N ALA A 97 6.63 0.00 24.73
CA ALA A 97 5.66 -0.61 25.65
C ALA A 97 4.34 0.01 25.19
N PRO A 98 3.50 -0.75 24.50
CA PRO A 98 2.28 -0.20 23.90
C PRO A 98 1.31 0.41 24.87
N GLU A 99 1.37 0.03 26.14
CA GLU A 99 0.49 0.61 27.14
C GLU A 99 0.84 2.07 27.48
N GLU A 100 1.91 2.60 26.96
CA GLU A 100 2.32 3.97 27.17
C GLU A 100 1.96 4.86 25.99
N HIS A 101 1.46 4.33 24.89
CA HIS A 101 1.22 5.15 23.70
C HIS A 101 -0.14 5.04 23.04
N PRO A 102 -0.87 6.14 22.92
CA PRO A 102 -2.05 6.19 22.04
C PRO A 102 -1.61 5.69 20.66
N THR A 103 -2.43 4.82 20.05
CA THR A 103 -1.98 4.22 18.79
C THR A 103 -3.03 4.41 17.71
N LEU A 104 -2.59 5.01 16.62
CA LEU A 104 -3.44 5.20 15.45
C LEU A 104 -3.19 4.07 14.46
N LEU A 105 -4.24 3.35 14.07
CA LEU A 105 -4.17 2.27 13.12
C LEU A 105 -4.88 2.68 11.82
N THR A 106 -4.36 2.18 10.72
CA THR A 106 -5.00 2.47 9.44
C THR A 106 -5.82 1.28 8.97
N GLU A 107 -6.85 1.55 8.14
CA GLU A 107 -7.66 0.46 7.59
C GLU A 107 -7.96 0.71 6.12
N ALA A 108 -8.16 -0.41 5.43
CA ALA A 108 -8.41 -0.33 4.00
C ALA A 108 -9.78 0.30 3.72
N PRO A 109 -9.95 0.80 2.50
CA PRO A 109 -11.26 1.26 2.05
C PRO A 109 -12.20 0.08 2.09
N LEU A 110 -13.48 0.35 2.47
CA LEU A 110 -14.53 -0.67 2.56
C LEU A 110 -14.27 -1.72 3.63
N ASN A 111 -13.54 -1.35 4.69
CA ASN A 111 -13.31 -2.33 5.77
C ASN A 111 -14.59 -2.53 6.55
N PRO A 112 -15.06 -3.76 6.75
CA PRO A 112 -16.32 -3.96 7.48
C PRO A 112 -16.26 -3.39 8.88
N LYS A 113 -17.39 -2.94 9.42
CA LYS A 113 -17.46 -2.42 10.78
C LYS A 113 -17.02 -3.47 11.80
N ALA A 114 -17.39 -4.73 11.61
CA ALA A 114 -17.00 -5.79 12.53
C ALA A 114 -15.48 -5.98 12.52
N ASN A 115 -14.86 -5.70 11.38
CA ASN A 115 -13.39 -5.82 11.31
C ASN A 115 -12.76 -4.69 12.10
N ARG A 116 -13.26 -3.46 11.97
CA ARG A 116 -12.70 -2.35 12.77
C ARG A 116 -12.90 -2.60 14.27
N GLU A 117 -14.06 -3.19 14.63
CA GLU A 117 -14.31 -3.55 16.01
C GLU A 117 -13.33 -4.59 16.53
N LYS A 118 -12.95 -5.58 15.73
CA LYS A 118 -11.99 -6.60 16.16
C LYS A 118 -10.61 -5.99 16.28
N MET A 119 -10.24 -5.09 15.39
CA MET A 119 -8.94 -4.39 15.52
C MET A 119 -8.85 -3.67 16.87
N THR A 120 -9.94 -2.95 17.21
CA THR A 120 -10.06 -2.19 18.44
C THR A 120 -9.98 -3.08 19.67
N GLN A 121 -10.73 -4.17 19.65
CA GLN A 121 -10.70 -5.14 20.75
C GLN A 121 -9.29 -5.67 21.02
N ILE A 122 -8.56 -6.00 19.95
CA ILE A 122 -7.18 -6.48 20.14
C ILE A 122 -6.30 -5.40 20.72
N MET A 123 -6.42 -4.15 20.20
CA MET A 123 -5.54 -3.11 20.75
C MET A 123 -5.76 -2.93 22.25
N PHE A 124 -7.02 -2.86 22.64
CA PHE A 124 -7.27 -2.64 24.07
C PHE A 124 -7.03 -3.86 24.93
N GLU A 125 -7.51 -5.01 24.51
CA GLU A 125 -7.44 -6.24 25.36
C GLU A 125 -6.11 -6.94 25.28
N THR A 126 -5.54 -7.09 24.09
CA THR A 126 -4.26 -7.77 23.94
C THR A 126 -3.07 -6.91 24.25
N PHE A 127 -3.04 -5.65 23.76
CA PHE A 127 -1.88 -4.81 23.95
C PHE A 127 -2.02 -3.72 25.00
N ASN A 128 -3.24 -3.60 25.55
CA ASN A 128 -3.47 -2.65 26.63
C ASN A 128 -3.09 -1.21 26.26
N VAL A 129 -3.36 -0.78 25.05
CA VAL A 129 -3.06 0.62 24.69
C VAL A 129 -3.96 1.53 25.53
N PRO A 130 -3.49 2.75 25.79
CA PRO A 130 -4.29 3.68 26.58
C PRO A 130 -5.41 4.29 25.76
N ALA A 131 -5.17 4.39 24.47
CA ALA A 131 -6.17 5.00 23.58
C ALA A 131 -5.82 4.64 22.14
N MET A 132 -6.83 4.74 21.28
CA MET A 132 -6.52 4.44 19.88
C MET A 132 -7.48 5.18 18.96
N TYR A 133 -7.21 5.06 17.68
CA TYR A 133 -8.04 5.66 16.64
C TYR A 133 -7.81 4.88 15.36
N VAL A 134 -8.84 4.71 14.53
CA VAL A 134 -8.69 4.02 13.26
C VAL A 134 -9.08 5.01 12.16
N ALA A 135 -8.18 5.15 11.18
CA ALA A 135 -8.42 6.03 10.04
C ALA A 135 -8.32 5.28 8.73
N ILE A 136 -9.08 5.71 7.73
CA ILE A 136 -9.05 5.11 6.39
C ILE A 136 -7.79 5.57 5.68
N GLN A 137 -7.06 4.60 5.12
CA GLN A 137 -5.78 4.90 4.46
C GLN A 137 -5.84 5.96 3.39
N ALA A 138 -6.84 5.89 2.49
CA ALA A 138 -6.88 6.90 1.43
C ALA A 138 -7.17 8.30 1.97
N VAL A 139 -7.97 8.37 3.03
CA VAL A 139 -8.22 9.69 3.63
C VAL A 139 -6.94 10.26 4.21
N LEU A 140 -6.10 9.44 4.87
CA LEU A 140 -4.82 9.90 5.39
C LEU A 140 -3.91 10.38 4.25
N SER A 141 -3.91 9.66 3.12
CA SER A 141 -3.08 10.12 1.99
C SER A 141 -3.57 11.46 1.45
N LEU A 142 -4.89 11.64 1.41
CA LEU A 142 -5.43 12.93 0.96
C LEU A 142 -5.00 14.04 1.90
N TYR A 143 -5.07 13.78 3.22
CA TYR A 143 -4.61 14.78 4.18
C TYR A 143 -3.12 15.06 4.04
N ALA A 144 -2.31 14.06 3.75
CA ALA A 144 -0.88 14.27 3.56
C ALA A 144 -0.60 15.19 2.37
N SER A 145 -1.55 15.29 1.43
CA SER A 145 -1.40 16.16 0.27
C SER A 145 -1.98 17.54 0.55
N GLY A 146 -2.52 17.72 1.75
CA GLY A 146 -3.06 19.01 2.17
C GLY A 146 -4.44 19.31 1.64
N ARG A 147 -5.33 18.32 1.46
CA ARG A 147 -6.68 18.61 1.04
C ARG A 147 -7.64 17.65 1.74
N THR A 148 -8.92 18.02 1.73
CA THR A 148 -9.95 17.19 2.32
C THR A 148 -10.96 16.71 1.28
N THR A 149 -10.79 17.17 0.03
CA THR A 149 -11.63 16.72 -1.07
C THR A 149 -10.72 16.30 -2.22
N GLY A 150 -11.06 15.12 -2.81
CA GLY A 150 -10.25 14.66 -3.93
C GLY A 150 -10.43 13.15 -4.16
N ILE A 151 -9.87 12.66 -5.27
CA ILE A 151 -10.04 11.21 -5.50
C ILE A 151 -8.61 10.64 -5.40
N VAL A 152 -8.46 9.68 -4.50
CA VAL A 152 -7.13 9.06 -4.36
C VAL A 152 -7.00 7.80 -5.21
N LEU A 153 -5.86 7.66 -5.89
CA LEU A 153 -5.51 6.37 -6.50
C LEU A 153 -4.42 5.80 -5.55
N ASP A 154 -4.74 4.69 -4.88
CA ASP A 154 -3.79 4.11 -3.93
C ASP A 154 -3.38 2.74 -4.46
N SER A 155 -2.16 2.66 -4.93
CA SER A 155 -1.65 1.36 -5.41
C SER A 155 -0.44 0.93 -4.57
N GLY A 156 -0.66 -0.19 -3.89
CA GLY A 156 0.38 -0.66 -2.94
C GLY A 156 1.00 -1.97 -3.37
N ASP A 157 0.93 -2.97 -2.52
CA ASP A 157 1.58 -4.24 -2.87
C ASP A 157 0.60 -5.28 -3.38
N GLY A 158 -0.55 -5.49 -2.73
CA GLY A 158 -1.48 -6.51 -3.15
C GLY A 158 -2.78 -5.96 -3.69
N VAL A 159 -3.01 -4.64 -3.62
CA VAL A 159 -4.31 -4.14 -4.03
C VAL A 159 -4.15 -2.69 -4.47
N THR A 160 -5.05 -2.25 -5.32
CA THR A 160 -5.14 -0.89 -5.81
C THR A 160 -6.59 -0.43 -5.66
N HIS A 161 -6.79 0.76 -5.13
CA HIS A 161 -8.14 1.29 -4.99
C HIS A 161 -8.24 2.70 -5.56
N ASN A 162 -9.45 3.04 -6.00
CA ASN A 162 -9.78 4.41 -6.35
C ASN A 162 -10.81 4.84 -5.31
N VAL A 163 -10.50 5.89 -4.51
CA VAL A 163 -11.35 6.32 -3.43
C VAL A 163 -11.69 7.81 -3.52
N PRO A 164 -12.92 8.14 -3.94
CA PRO A 164 -13.34 9.53 -3.95
C PRO A 164 -13.76 9.97 -2.55
N ILE A 165 -13.34 11.18 -2.19
CA ILE A 165 -13.51 11.70 -0.84
C ILE A 165 -14.02 13.14 -0.90
N TYR A 166 -15.09 13.42 -0.18
CA TYR A 166 -15.65 14.77 -0.16
C TYR A 166 -15.66 15.29 1.28
N GLU A 167 -14.90 16.36 1.54
CA GLU A 167 -14.76 16.94 2.85
C GLU A 167 -14.45 15.91 3.92
N GLY A 168 -13.47 15.03 3.69
CA GLY A 168 -13.08 14.02 4.65
C GLY A 168 -13.85 12.73 4.62
N TYR A 169 -14.96 12.67 3.89
CA TYR A 169 -15.78 11.48 3.80
C TYR A 169 -15.51 10.67 2.53
N ALA A 170 -15.11 9.41 2.71
CA ALA A 170 -14.89 8.53 1.56
C ALA A 170 -16.29 8.11 1.13
N LEU A 171 -16.60 8.11 -0.14
CA LEU A 171 -17.96 7.74 -0.61
C LEU A 171 -17.96 6.26 -0.94
N PRO A 172 -18.52 5.42 -0.07
CA PRO A 172 -18.36 3.99 -0.20
C PRO A 172 -18.90 3.37 -1.45
N HIS A 173 -20.04 3.91 -1.94
CA HIS A 173 -20.61 3.35 -3.17
C HIS A 173 -19.78 3.60 -4.42
N ALA A 174 -18.81 4.54 -4.40
CA ALA A 174 -18.02 4.86 -5.56
C ALA A 174 -16.56 4.35 -5.48
N ILE A 175 -16.29 3.59 -4.42
CA ILE A 175 -14.91 3.05 -4.29
C ILE A 175 -14.72 1.90 -5.26
N MET A 176 -13.59 1.86 -5.94
CA MET A 176 -13.26 0.80 -6.90
C MET A 176 -12.01 0.06 -6.40
N ARG A 177 -11.99 -1.26 -6.44
CA ARG A 177 -10.88 -2.10 -5.99
C ARG A 177 -10.31 -2.94 -7.11
N LEU A 178 -9.00 -2.90 -7.36
CA LEU A 178 -8.41 -3.71 -8.45
C LEU A 178 -7.38 -4.62 -7.80
N ASP A 179 -7.50 -5.95 -7.79
CA ASP A 179 -6.58 -6.80 -7.08
C ASP A 179 -5.33 -7.12 -7.90
N LEU A 180 -4.63 -6.05 -8.20
CA LEU A 180 -3.37 -6.02 -8.91
C LEU A 180 -2.55 -4.88 -8.34
N ALA A 181 -1.30 -5.13 -7.95
CA ALA A 181 -0.45 -4.01 -7.53
C ALA A 181 1.02 -4.41 -7.58
N GLY A 182 1.86 -3.86 -6.70
CA GLY A 182 3.29 -4.10 -6.89
C GLY A 182 3.76 -5.55 -6.86
N ARG A 183 3.19 -6.44 -6.10
CA ARG A 183 3.66 -7.83 -6.05
C ARG A 183 3.45 -8.47 -7.41
N ASP A 184 2.34 -8.11 -8.07
CA ASP A 184 2.09 -8.62 -9.43
C ASP A 184 3.06 -8.08 -10.45
N LEU A 185 3.37 -6.78 -10.34
CA LEU A 185 4.32 -6.17 -11.25
C LEU A 185 5.72 -6.80 -11.06
N THR A 186 6.15 -7.11 -9.83
CA THR A 186 7.46 -7.76 -9.67
C THR A 186 7.43 -9.15 -10.30
N ASP A 187 6.35 -9.92 -10.07
CA ASP A 187 6.26 -11.25 -10.70
C ASP A 187 6.28 -11.16 -12.22
N TYR A 188 5.61 -10.16 -12.80
CA TYR A 188 5.54 -10.00 -14.27
C TYR A 188 6.92 -9.60 -14.79
N LEU A 189 7.65 -8.70 -14.12
CA LEU A 189 9.01 -8.41 -14.57
C LEU A 189 9.91 -9.64 -14.51
N MET A 190 9.79 -10.49 -13.52
CA MET A 190 10.61 -11.71 -13.53
C MET A 190 10.31 -12.52 -14.80
N LYS A 191 9.02 -12.66 -15.09
CA LYS A 191 8.63 -13.44 -16.26
C LYS A 191 9.11 -12.86 -17.57
N ILE A 192 8.97 -11.54 -17.74
CA ILE A 192 9.34 -10.96 -19.04
C ILE A 192 10.86 -10.94 -19.22
N LEU A 193 11.64 -10.85 -18.16
CA LEU A 193 13.10 -10.89 -18.26
C LEU A 193 13.58 -12.29 -18.61
N THR A 194 12.78 -13.25 -18.15
CA THR A 194 13.06 -14.65 -18.44
C THR A 194 12.81 -14.92 -19.91
N GLU A 195 12.02 -14.13 -20.63
CA GLU A 195 11.81 -14.14 -22.06
C GLU A 195 13.06 -13.86 -22.87
N ARG A 196 13.99 -13.00 -22.44
CA ARG A 196 15.23 -12.67 -23.09
C ARG A 196 16.32 -13.73 -22.93
N GLY A 197 16.08 -14.79 -22.17
CA GLY A 197 17.09 -15.82 -21.97
C GLY A 197 17.71 -15.75 -20.59
N TYR A 198 17.32 -14.75 -19.83
CA TYR A 198 17.73 -14.68 -18.44
C TYR A 198 16.88 -15.66 -17.63
N SER A 199 17.23 -15.88 -16.39
CA SER A 199 16.44 -16.76 -15.53
C SER A 199 16.32 -16.17 -14.14
N PHE A 200 15.13 -15.59 -13.86
CA PHE A 200 14.84 -15.06 -12.54
C PHE A 200 13.63 -15.81 -12.00
N VAL A 201 13.91 -16.78 -11.13
CA VAL A 201 12.89 -17.65 -10.57
C VAL A 201 13.11 -17.81 -9.08
N THR A 202 14.21 -17.83 -8.41
CA THR A 202 14.29 -18.09 -6.99
C THR A 202 13.80 -16.95 -6.09
N THR A 203 13.82 -17.22 -4.79
CA THR A 203 13.43 -16.16 -3.84
C THR A 203 14.41 -15.01 -3.95
N ALA A 204 15.70 -15.35 -3.99
CA ALA A 204 16.74 -14.32 -4.15
C ALA A 204 16.60 -13.54 -5.46
N GLU A 205 16.25 -14.22 -6.53
CA GLU A 205 16.06 -13.58 -7.83
C GLU A 205 14.84 -12.67 -7.81
N ARG A 206 13.80 -13.03 -7.05
CA ARG A 206 12.65 -12.11 -6.98
C ARG A 206 13.04 -10.81 -6.31
N GLU A 207 13.88 -10.87 -5.26
CA GLU A 207 14.36 -9.66 -4.60
C GLU A 207 15.19 -8.77 -5.53
N ILE A 208 16.04 -9.40 -6.35
CA ILE A 208 16.80 -8.67 -7.37
C ILE A 208 15.82 -7.97 -8.34
N VAL A 209 14.84 -8.74 -8.83
CA VAL A 209 13.89 -8.14 -9.78
C VAL A 209 13.09 -7.02 -9.15
N ARG A 210 12.68 -7.12 -7.90
CA ARG A 210 11.99 -6.03 -7.21
C ARG A 210 12.88 -4.78 -7.22
N ASP A 211 14.20 -4.94 -7.03
CA ASP A 211 15.12 -3.81 -7.10
C ASP A 211 15.19 -3.23 -8.51
N ILE A 212 15.26 -4.06 -9.55
CA ILE A 212 15.31 -3.53 -10.92
C ILE A 212 14.02 -2.75 -11.16
N LYS A 213 12.87 -3.30 -10.76
CA LYS A 213 11.59 -2.61 -10.96
C LYS A 213 11.59 -1.22 -10.33
N GLU A 214 11.98 -1.16 -9.07
CA GLU A 214 11.94 0.11 -8.32
C GLU A 214 12.98 1.11 -8.80
N LYS A 215 14.07 0.66 -9.40
CA LYS A 215 15.09 1.61 -9.87
C LYS A 215 14.99 1.98 -11.32
N LEU A 216 14.53 1.11 -12.21
CA LEU A 216 14.56 1.40 -13.63
C LEU A 216 13.24 1.42 -14.38
N CYS A 217 12.13 0.95 -13.83
CA CYS A 217 10.90 0.97 -14.61
C CYS A 217 10.31 2.39 -14.63
N TYR A 218 9.46 2.61 -15.65
CA TYR A 218 8.75 3.89 -15.76
C TYR A 218 7.48 3.64 -16.59
N VAL A 219 6.56 4.57 -16.50
CA VAL A 219 5.31 4.52 -17.27
C VAL A 219 5.45 5.42 -18.51
N ALA A 220 5.23 4.71 -19.64
CA ALA A 220 5.32 5.40 -20.94
C ALA A 220 4.06 6.24 -21.13
N LEU A 221 4.20 7.34 -21.88
CA LEU A 221 3.01 8.17 -22.14
C LEU A 221 2.05 7.48 -23.08
N ASP A 222 2.64 6.65 -23.95
CA ASP A 222 1.84 5.80 -24.84
C ASP A 222 2.60 4.53 -25.13
N PHE A 223 2.08 3.35 -24.77
CA PHE A 223 2.82 2.11 -24.91
C PHE A 223 3.28 1.78 -26.32
N GLU A 224 2.38 1.99 -27.29
CA GLU A 224 2.72 1.56 -28.65
C GLU A 224 3.73 2.53 -29.26
N ASN A 225 3.58 3.82 -28.96
CA ASN A 225 4.59 4.73 -29.50
C ASN A 225 5.94 4.56 -28.83
N GLU A 226 5.96 4.21 -27.53
CA GLU A 226 7.23 3.96 -26.84
C GLU A 226 7.94 2.74 -27.42
N MET A 227 7.15 1.71 -27.71
CA MET A 227 7.74 0.52 -28.36
C MET A 227 8.36 0.88 -29.72
N ALA A 228 7.68 1.78 -30.44
CA ALA A 228 8.17 2.16 -31.76
C ALA A 228 9.46 2.97 -31.66
N THR A 229 9.64 3.72 -30.59
CA THR A 229 10.84 4.53 -30.40
C THR A 229 12.00 3.69 -29.91
N ALA A 230 11.70 2.53 -29.29
CA ALA A 230 12.74 1.68 -28.72
C ALA A 230 13.88 1.33 -29.65
N ALA A 231 13.67 0.99 -30.91
CA ALA A 231 14.77 0.56 -31.78
C ALA A 231 15.90 1.59 -31.92
N SER A 232 15.57 2.84 -32.11
CA SER A 232 16.56 3.89 -32.28
C SER A 232 16.85 4.72 -31.04
N SER A 233 16.21 4.46 -29.90
CA SER A 233 16.45 5.27 -28.71
C SER A 233 17.87 5.19 -28.18
N SER A 234 18.50 6.33 -27.82
CA SER A 234 19.84 6.13 -27.22
C SER A 234 19.71 6.10 -25.70
N SER A 235 18.54 6.27 -25.10
CA SER A 235 18.48 6.26 -23.65
C SER A 235 17.63 5.15 -23.04
N LEU A 236 16.91 4.40 -23.88
CA LEU A 236 16.05 3.37 -23.30
C LEU A 236 16.88 2.31 -22.57
N GLU A 237 17.84 1.70 -23.26
CA GLU A 237 18.58 0.61 -22.61
C GLU A 237 19.38 1.02 -21.38
N LYS A 238 19.20 0.27 -20.29
CA LYS A 238 19.93 0.51 -19.07
C LYS A 238 20.64 -0.80 -18.70
N SER A 239 21.80 -0.68 -18.12
CA SER A 239 22.54 -1.86 -17.64
C SER A 239 22.26 -2.00 -16.15
N TYR A 240 22.26 -3.23 -15.64
CA TYR A 240 22.06 -3.48 -14.22
C TYR A 240 22.95 -4.65 -13.78
N GLU A 241 23.77 -4.37 -12.78
CA GLU A 241 24.70 -5.40 -12.28
C GLU A 241 24.03 -6.29 -11.26
N LEU A 242 24.06 -7.62 -11.49
CA LEU A 242 23.53 -8.58 -10.57
C LEU A 242 24.52 -8.88 -9.45
N PRO A 243 24.06 -9.57 -8.39
CA PRO A 243 24.90 -9.95 -7.28
C PRO A 243 26.07 -10.84 -7.67
N ASP A 244 25.99 -11.61 -8.77
CA ASP A 244 27.14 -12.45 -9.17
C ASP A 244 28.14 -11.70 -10.03
N GLY A 245 27.94 -10.39 -10.28
CA GLY A 245 28.85 -9.62 -11.10
C GLY A 245 28.47 -9.62 -12.59
N GLN A 246 27.48 -10.42 -13.01
CA GLN A 246 27.06 -10.36 -14.40
C GLN A 246 26.30 -9.04 -14.59
N VAL A 247 26.19 -8.53 -15.80
CA VAL A 247 25.46 -7.28 -16.04
C VAL A 247 24.37 -7.59 -17.08
N ILE A 248 23.11 -7.30 -16.75
CA ILE A 248 22.04 -7.55 -17.73
C ILE A 248 21.66 -6.21 -18.39
N THR A 249 21.00 -6.29 -19.54
CA THR A 249 20.52 -5.06 -20.17
C THR A 249 18.99 -5.11 -20.15
N ILE A 250 18.40 -3.99 -19.74
CA ILE A 250 16.95 -3.87 -19.66
C ILE A 250 16.50 -2.75 -20.59
N GLY A 251 15.53 -3.07 -21.44
CA GLY A 251 15.07 -2.08 -22.42
C GLY A 251 13.57 -1.84 -22.34
N ASN A 252 12.79 -2.40 -23.24
CA ASN A 252 11.35 -2.16 -23.21
C ASN A 252 10.71 -2.78 -21.98
N GLU A 253 11.37 -3.68 -21.26
CA GLU A 253 10.80 -4.21 -20.02
C GLU A 253 10.62 -3.09 -19.00
N ARG A 254 11.36 -1.99 -19.07
CA ARG A 254 11.27 -0.85 -18.20
C ARG A 254 9.85 -0.27 -18.20
N PHE A 255 9.24 -0.20 -19.38
CA PHE A 255 7.85 0.33 -19.38
C PHE A 255 6.76 -0.69 -19.61
N ARG A 256 7.12 -1.88 -20.15
CA ARG A 256 6.12 -2.94 -20.28
C ARG A 256 5.61 -3.42 -18.93
N CYS A 257 6.55 -3.51 -17.95
CA CYS A 257 6.07 -3.95 -16.60
C CYS A 257 4.98 -3.09 -16.00
N PRO A 258 5.14 -1.77 -15.79
CA PRO A 258 4.09 -0.97 -15.21
C PRO A 258 2.92 -0.66 -16.14
N GLU A 259 3.08 -0.94 -17.45
CA GLU A 259 1.94 -0.78 -18.38
C GLU A 259 0.77 -1.63 -17.92
N THR A 260 1.02 -2.71 -17.20
CA THR A 260 0.01 -3.61 -16.65
C THR A 260 -1.01 -2.85 -15.81
N LEU A 261 -0.66 -1.79 -15.07
CA LEU A 261 -1.67 -1.05 -14.32
C LEU A 261 -2.73 -0.46 -15.25
N PHE A 262 -2.37 -0.03 -16.44
CA PHE A 262 -3.34 0.50 -17.39
C PHE A 262 -3.94 -0.59 -18.24
N GLN A 263 -3.21 -1.70 -18.41
CA GLN A 263 -3.68 -2.80 -19.28
C GLN A 263 -3.54 -4.11 -18.51
N PRO A 264 -4.45 -4.43 -17.59
CA PRO A 264 -4.37 -5.64 -16.78
C PRO A 264 -4.39 -6.94 -17.59
N SER A 265 -4.77 -6.84 -18.86
CA SER A 265 -4.73 -8.02 -19.73
C SER A 265 -3.31 -8.49 -19.97
N PHE A 266 -2.27 -7.69 -19.68
CA PHE A 266 -0.89 -8.15 -19.80
C PHE A 266 -0.60 -9.31 -18.85
N ILE A 267 -1.30 -9.39 -17.71
CA ILE A 267 -1.08 -10.51 -16.79
C ILE A 267 -2.32 -11.41 -16.78
N GLY A 268 -3.13 -11.29 -17.81
CA GLY A 268 -4.31 -12.17 -17.89
C GLY A 268 -5.43 -11.82 -16.95
N MET A 269 -5.63 -10.53 -16.67
CA MET A 269 -6.77 -10.08 -15.89
C MET A 269 -7.74 -9.34 -16.78
N GLU A 270 -9.05 -9.53 -16.57
CA GLU A 270 -10.07 -8.88 -17.40
C GLU A 270 -10.49 -7.50 -16.93
N SER A 271 -9.91 -7.08 -15.81
CA SER A 271 -10.24 -5.82 -15.17
C SER A 271 -9.92 -4.58 -15.99
N ALA A 272 -10.64 -3.52 -15.67
CA ALA A 272 -10.37 -2.21 -16.22
C ALA A 272 -9.02 -1.71 -15.63
N GLY A 273 -8.30 -0.91 -16.40
CA GLY A 273 -7.04 -0.34 -15.94
C GLY A 273 -7.32 0.84 -15.01
N ILE A 274 -6.27 1.30 -14.32
CA ILE A 274 -6.42 2.32 -13.27
C ILE A 274 -6.97 3.64 -13.79
N HIS A 275 -6.80 3.99 -15.04
CA HIS A 275 -7.40 5.25 -15.54
C HIS A 275 -8.90 5.06 -15.75
N GLU A 276 -9.30 3.86 -16.17
CA GLU A 276 -10.74 3.60 -16.35
C GLU A 276 -11.46 3.52 -15.02
N THR A 277 -10.86 2.94 -14.00
CA THR A 277 -11.48 2.84 -12.68
C THR A 277 -11.58 4.22 -12.03
N THR A 278 -10.62 5.11 -12.31
CA THR A 278 -10.67 6.47 -11.79
C THR A 278 -11.92 7.17 -12.34
N TYR A 279 -12.06 7.11 -13.68
CA TYR A 279 -13.22 7.69 -14.34
C TYR A 279 -14.51 7.03 -13.85
N ASN A 280 -14.54 5.72 -13.78
CA ASN A 280 -15.75 5.02 -13.32
C ASN A 280 -16.12 5.40 -11.90
N SER A 281 -15.14 5.63 -11.02
CA SER A 281 -15.38 6.08 -9.66
C SER A 281 -15.94 7.49 -9.63
N ILE A 282 -15.39 8.41 -10.40
CA ILE A 282 -15.90 9.78 -10.45
C ILE A 282 -17.33 9.80 -10.96
N MET A 283 -17.69 8.91 -11.89
CA MET A 283 -19.03 8.88 -12.44
C MET A 283 -20.05 8.24 -11.54
N LYS A 284 -19.63 7.65 -10.41
CA LYS A 284 -20.56 7.10 -9.44
C LYS A 284 -20.79 8.16 -8.35
N CYS A 285 -20.19 9.33 -8.50
CA CYS A 285 -20.37 10.40 -7.52
C CYS A 285 -21.36 11.45 -8.07
N ASP A 286 -21.84 12.25 -7.13
CA ASP A 286 -22.80 13.32 -7.48
C ASP A 286 -22.18 14.18 -8.56
N ILE A 287 -22.93 14.49 -9.61
CA ILE A 287 -22.42 15.32 -10.70
C ILE A 287 -21.82 16.61 -10.20
N ASP A 288 -22.35 17.21 -9.15
CA ASP A 288 -21.92 18.47 -8.60
C ASP A 288 -20.58 18.41 -7.87
N ILE A 289 -20.03 17.23 -7.57
CA ILE A 289 -18.69 17.22 -6.97
C ILE A 289 -17.66 16.71 -7.97
N ARG A 290 -18.07 16.34 -9.18
CA ARG A 290 -17.05 15.77 -10.08
C ARG A 290 -15.95 16.71 -10.46
N LYS A 291 -16.24 18.00 -10.67
CA LYS A 291 -15.21 18.98 -10.99
C LYS A 291 -14.14 19.06 -9.90
N ASP A 292 -14.53 18.96 -8.64
CA ASP A 292 -13.56 18.96 -7.55
C ASP A 292 -12.72 17.68 -7.57
N LEU A 293 -13.32 16.53 -7.93
CA LEU A 293 -12.52 15.30 -7.99
C LEU A 293 -11.50 15.35 -9.14
N TYR A 294 -11.97 15.78 -10.32
CA TYR A 294 -11.09 15.84 -11.47
C TYR A 294 -9.89 16.74 -11.28
N ALA A 295 -10.07 17.79 -10.46
CA ALA A 295 -8.95 18.70 -10.25
C ALA A 295 -8.10 18.30 -9.05
N ASN A 296 -8.43 17.19 -8.37
CA ASN A 296 -7.68 16.77 -7.18
C ASN A 296 -7.47 15.26 -7.19
N ASN A 297 -6.86 14.75 -8.25
CA ASN A 297 -6.58 13.29 -8.32
C ASN A 297 -5.22 13.10 -7.64
N VAL A 298 -5.21 12.48 -6.47
CA VAL A 298 -3.98 12.32 -5.71
C VAL A 298 -3.50 10.87 -5.77
N MET A 299 -2.24 10.71 -6.16
CA MET A 299 -1.63 9.39 -6.19
C MET A 299 -0.95 9.04 -4.88
N SER A 300 -1.15 7.80 -4.46
CA SER A 300 -0.48 7.33 -3.24
C SER A 300 -0.10 5.88 -3.33
N GLY A 301 0.94 5.52 -2.55
CA GLY A 301 1.32 4.12 -2.50
C GLY A 301 2.58 3.88 -3.30
N GLY A 302 3.26 2.77 -2.95
CA GLY A 302 4.55 2.47 -3.58
C GLY A 302 4.49 2.26 -5.08
N THR A 303 3.38 1.66 -5.54
CA THR A 303 3.22 1.33 -6.95
C THR A 303 2.83 2.54 -7.75
N THR A 304 2.66 3.71 -7.12
CA THR A 304 2.50 4.94 -7.89
C THR A 304 3.80 5.71 -8.03
N MET A 305 4.95 5.14 -7.65
CA MET A 305 6.21 5.79 -7.67
C MET A 305 6.86 5.86 -9.04
N TYR A 306 6.36 5.14 -10.04
CA TYR A 306 7.00 5.19 -11.35
C TYR A 306 7.07 6.57 -11.98
N PRO A 307 8.24 6.96 -12.45
CA PRO A 307 8.36 8.15 -13.28
C PRO A 307 7.40 8.00 -14.48
N GLY A 308 6.74 9.10 -14.80
CA GLY A 308 5.82 9.15 -15.92
C GLY A 308 4.37 8.89 -15.57
N ILE A 309 4.07 8.31 -14.41
CA ILE A 309 2.70 7.94 -14.08
C ILE A 309 1.77 9.14 -14.02
N ALA A 310 2.18 10.26 -13.45
CA ALA A 310 1.25 11.41 -13.41
C ALA A 310 0.92 11.92 -14.80
N ASP A 311 1.90 11.99 -15.70
CA ASP A 311 1.64 12.48 -17.04
C ASP A 311 0.73 11.52 -17.81
N ARG A 312 0.97 10.21 -17.60
CA ARG A 312 0.09 9.26 -18.29
C ARG A 312 -1.34 9.37 -17.77
N MET A 313 -1.51 9.44 -16.44
CA MET A 313 -2.86 9.60 -15.86
C MET A 313 -3.50 10.89 -16.35
N GLN A 314 -2.77 11.98 -16.46
CA GLN A 314 -3.33 13.22 -16.99
C GLN A 314 -3.85 12.99 -18.41
N LYS A 315 -3.08 12.30 -19.25
CA LYS A 315 -3.48 12.05 -20.63
C LYS A 315 -4.71 11.17 -20.72
N GLU A 316 -4.73 10.08 -19.96
CA GLU A 316 -5.86 9.16 -20.02
C GLU A 316 -7.15 9.74 -19.46
N ILE A 317 -7.03 10.46 -18.34
CA ILE A 317 -8.23 11.10 -17.78
C ILE A 317 -8.76 12.19 -18.70
N THR A 318 -7.85 12.94 -19.28
CA THR A 318 -8.30 13.98 -20.25
C THR A 318 -9.06 13.34 -21.39
N ALA A 319 -8.62 12.18 -21.89
CA ALA A 319 -9.32 11.50 -22.96
C ALA A 319 -10.72 11.01 -22.55
N LEU A 320 -10.97 10.67 -21.30
CA LEU A 320 -12.30 10.20 -20.90
C LEU A 320 -13.25 11.29 -20.44
N ALA A 321 -12.73 12.38 -19.89
CA ALA A 321 -13.57 13.45 -19.34
C ALA A 321 -14.06 14.45 -20.36
N PRO A 322 -15.11 15.18 -19.99
CA PRO A 322 -15.63 16.26 -20.84
C PRO A 322 -14.51 17.20 -21.22
N SER A 323 -14.57 17.76 -22.43
CA SER A 323 -13.57 18.66 -22.97
C SER A 323 -13.25 19.90 -22.16
N THR A 324 -14.19 20.47 -21.41
CA THR A 324 -13.93 21.67 -20.65
C THR A 324 -13.53 21.37 -19.22
N MET A 325 -13.32 20.09 -18.90
CA MET A 325 -12.96 19.75 -17.52
C MET A 325 -11.52 20.05 -17.15
N LYS A 326 -11.23 20.75 -16.08
CA LYS A 326 -9.89 20.98 -15.57
C LYS A 326 -9.43 19.71 -14.82
N ILE A 327 -8.35 19.11 -15.26
CA ILE A 327 -7.84 17.86 -14.69
C ILE A 327 -6.48 18.13 -14.08
N LYS A 328 -6.22 17.65 -12.88
CA LYS A 328 -4.93 17.82 -12.22
C LYS A 328 -4.61 16.52 -11.46
N ILE A 329 -3.40 16.05 -11.69
CA ILE A 329 -2.91 14.87 -10.98
C ILE A 329 -1.84 15.38 -10.02
N ILE A 330 -1.97 15.02 -8.75
CA ILE A 330 -1.04 15.39 -7.71
C ILE A 330 -0.27 14.12 -7.30
N ALA A 331 1.04 14.13 -7.44
CA ALA A 331 1.86 12.96 -7.11
C ALA A 331 3.00 13.42 -6.21
N PRO A 332 2.73 13.45 -4.92
CA PRO A 332 3.71 13.95 -3.95
C PRO A 332 4.97 13.12 -3.98
N PRO A 333 6.14 13.73 -3.76
CA PRO A 333 7.40 13.00 -3.70
C PRO A 333 7.47 11.91 -2.65
N GLU A 334 6.81 12.09 -1.51
CA GLU A 334 6.79 11.19 -0.39
C GLU A 334 5.61 10.22 -0.43
N ARG A 335 4.99 10.08 -1.58
CA ARG A 335 3.81 9.22 -1.70
C ARG A 335 3.96 7.75 -1.41
N LYS A 336 5.14 7.17 -1.38
CA LYS A 336 5.34 5.80 -0.93
C LYS A 336 4.92 5.67 0.53
N TYR A 337 4.99 6.73 1.33
CA TYR A 337 4.62 6.72 2.73
C TYR A 337 3.53 7.72 3.05
N SER A 338 2.74 8.18 2.04
CA SER A 338 1.78 9.25 2.39
C SER A 338 0.67 8.75 3.32
N VAL A 339 0.29 7.48 3.30
CA VAL A 339 -0.70 7.04 4.30
C VAL A 339 -0.14 7.20 5.71
N TRP A 340 1.10 6.72 5.90
CA TRP A 340 1.70 6.84 7.24
C TRP A 340 1.84 8.31 7.64
N ILE A 341 2.31 9.14 6.69
CA ILE A 341 2.49 10.57 6.98
C ILE A 341 1.17 11.21 7.36
N GLY A 342 0.08 10.90 6.63
CA GLY A 342 -1.20 11.49 7.02
C GLY A 342 -1.55 11.08 8.44
N GLY A 343 -1.32 9.82 8.80
CA GLY A 343 -1.56 9.34 10.16
C GLY A 343 -0.69 10.13 11.15
N SER A 344 0.58 10.30 10.85
CA SER A 344 1.47 11.06 11.71
C SER A 344 0.95 12.48 11.93
N ILE A 345 0.46 13.15 10.90
CA ILE A 345 -0.02 14.53 11.04
C ILE A 345 -1.22 14.58 11.97
N LEU A 346 -2.15 13.64 11.78
CA LEU A 346 -3.37 13.56 12.53
C LEU A 346 -3.12 13.24 13.99
N ALA A 347 -2.30 12.20 14.25
CA ALA A 347 -1.98 11.76 15.59
C ALA A 347 -1.10 12.73 16.37
N SER A 348 -0.44 13.68 15.73
CA SER A 348 0.37 14.65 16.45
C SER A 348 -0.47 15.88 16.78
N LEU A 349 -1.75 15.97 16.45
CA LEU A 349 -2.57 17.14 16.75
C LEU A 349 -3.19 16.95 18.14
N SER A 350 -2.37 17.25 19.14
CA SER A 350 -2.75 17.12 20.54
C SER A 350 -3.85 18.06 20.97
N THR A 351 -4.11 19.13 20.25
CA THR A 351 -5.28 19.97 20.46
C THR A 351 -6.56 19.16 20.28
N PHE A 352 -6.51 18.14 19.42
CA PHE A 352 -7.62 17.23 19.16
C PHE A 352 -7.48 15.92 19.93
N GLN A 353 -6.82 15.98 21.09
CA GLN A 353 -6.64 14.72 21.87
C GLN A 353 -7.94 14.10 22.30
N GLN A 354 -9.04 14.83 22.43
CA GLN A 354 -10.32 14.24 22.74
C GLN A 354 -10.75 13.36 21.58
N MET A 355 -10.32 13.37 20.35
CA MET A 355 -10.77 12.44 19.32
C MET A 355 -10.25 11.02 19.54
N TRP A 356 -9.18 10.86 20.34
CA TRP A 356 -8.74 9.48 20.59
C TRP A 356 -9.83 8.70 21.28
N ILE A 357 -10.00 7.43 21.15
CA ILE A 357 -10.93 6.62 21.92
C ILE A 357 -10.12 6.08 23.08
N THR A 358 -10.42 6.45 24.34
CA THR A 358 -9.61 5.97 25.45
C THR A 358 -10.12 4.59 25.91
N LYS A 359 -9.28 3.94 26.69
CA LYS A 359 -9.69 2.65 27.24
C LYS A 359 -10.95 2.80 28.10
N GLN A 360 -11.11 3.89 28.84
CA GLN A 360 -12.34 4.07 29.62
C GLN A 360 -13.55 4.24 28.74
N GLU A 361 -13.42 4.97 27.63
CA GLU A 361 -14.56 5.14 26.74
C GLU A 361 -15.00 3.83 26.11
N TYR A 362 -14.01 3.02 25.73
CA TYR A 362 -14.32 1.73 25.12
C TYR A 362 -15.03 0.80 26.12
N ASP A 363 -14.58 0.82 27.36
CA ASP A 363 -15.19 0.00 28.40
C ASP A 363 -16.62 0.41 28.68
N GLU A 364 -16.90 1.71 28.61
CA GLU A 364 -18.22 2.23 28.88
C GLU A 364 -19.18 2.19 27.70
N ALA A 365 -18.70 2.32 26.47
CA ALA A 365 -19.60 2.40 25.33
C ALA A 365 -19.70 1.13 24.49
N GLY A 366 -18.75 0.23 24.57
CA GLY A 366 -18.79 -0.98 23.77
C GLY A 366 -18.02 -0.81 22.45
N PRO A 367 -18.20 -1.78 21.57
CA PRO A 367 -17.53 -1.83 20.28
C PRO A 367 -18.05 -0.85 19.25
N SER A 368 -19.30 -0.41 19.39
CA SER A 368 -19.90 0.54 18.47
C SER A 368 -19.21 1.89 18.49
N ILE A 369 -18.44 2.22 19.50
CA ILE A 369 -17.75 3.48 19.66
C ILE A 369 -16.65 3.80 18.67
N VAL A 370 -16.08 2.83 17.95
CA VAL A 370 -14.96 3.14 17.05
C VAL A 370 -15.42 3.65 15.70
N HIS A 371 -16.73 3.58 15.44
CA HIS A 371 -17.28 4.06 14.18
C HIS A 371 -17.75 5.51 14.26
N ARG A 372 -17.76 6.15 13.09
CA ARG A 372 -18.36 7.46 12.93
C ARG A 372 -18.10 8.48 14.02
#